data_3LKR
#
_entry.id   3LKR
#
_cell.length_a   50.557
_cell.length_b   81.913
_cell.length_c   109.689
_cell.angle_alpha   90.000
_cell.angle_beta   90.000
_cell.angle_gamma   90.000
#
_symmetry.space_group_name_H-M   'P 21 21 21'
#
loop_
_entity.id
_entity.type
_entity.pdbx_description
1 polymer 'HLA class I histocompatibility antigen, B-35 alpha chain'
2 polymer Beta-2-microglobulin
3 polymer 'NP418 epitope from 2009 swine-influenza strain'
4 water water
#
loop_
_entity_poly.entity_id
_entity_poly.type
_entity_poly.pdbx_seq_one_letter_code
_entity_poly.pdbx_strand_id
1 'polypeptide(L)'
;GSHSMRYFYTAMSRPGRGEPRFIAVGYVDDTQFVRFDSDAASPRTEPRAPWIEQEGPEYWDRNTQIFKTNTQTYRESLRN
LRGYYNQSEAGSHIIQRMYGCDLGPDGRLLRGHDQSAYDGKDYIALNEDLSSWTAADTAAQITQRKWEAARVAEQLRAYL
EGLCVEWLRRYLENGKETLQRADPPKTHVTHHPVSDHEATLRCWALGFYPAEITLTWQRDGEDQTQDTELVETRPAGDRT
FQKWAAVVVPSGEEQRYTCHVQHEGLPKPLTLRWEP
;
A
2 'polypeptide(L)'
;MIQRTPKIQVYSRHPAENGKSNFLNCYVSGFHPSDIEVDLLKNGERIEKVEHSDLSFSKDWSFYLLYYTEFTPTEKDEYA
CRVNHVTLSQPKIVKWDRDM
;
B
3 'polypeptide(L)' LPFERATVM C
#
# COMPACT_ATOMS: atom_id res chain seq x y z
N GLY A 1 9.76 -3.05 17.58
CA GLY A 1 10.23 -4.47 17.58
C GLY A 1 9.08 -5.42 17.19
N SER A 2 7.92 -4.87 16.85
CA SER A 2 6.78 -5.68 16.36
C SER A 2 6.85 -5.81 14.85
N HIS A 3 6.54 -6.99 14.36
CA HIS A 3 6.72 -7.26 12.91
C HIS A 3 5.60 -8.10 12.32
N SER A 4 5.36 -7.94 11.02
CA SER A 4 4.42 -8.83 10.35
C SER A 4 4.86 -9.19 8.93
N MET A 5 4.37 -10.33 8.45
CA MET A 5 4.51 -10.73 7.05
C MET A 5 3.13 -10.77 6.43
N ARG A 6 2.94 -10.20 5.23
CA ARG A 6 1.65 -10.34 4.55
C ARG A 6 1.90 -10.76 3.11
N TYR A 7 0.98 -11.54 2.54
CA TYR A 7 0.92 -11.73 1.09
C TYR A 7 -0.37 -11.13 0.59
N PHE A 8 -0.31 -10.40 -0.54
CA PHE A 8 -1.47 -9.76 -1.16
C PHE A 8 -1.66 -10.40 -2.55
N TYR A 9 -2.82 -11.01 -2.75
CA TYR A 9 -3.16 -11.61 -4.03
C TYR A 9 -4.26 -10.74 -4.67
N THR A 10 -4.14 -10.46 -5.96
CA THR A 10 -5.17 -9.75 -6.76
C THR A 10 -5.42 -10.54 -8.05
N ALA A 11 -6.67 -11.03 -8.25
CA ALA A 11 -7.10 -11.77 -9.47
C ALA A 11 -8.18 -10.94 -10.18
N MET A 12 -7.91 -10.53 -11.43
N MET A 12 -7.92 -10.60 -11.45
CA MET A 12 -8.78 -9.57 -12.13
CA MET A 12 -8.76 -9.66 -12.15
C MET A 12 -9.21 -10.08 -13.48
C MET A 12 -9.19 -10.33 -13.43
N SER A 13 -10.50 -10.42 -13.64
CA SER A 13 -11.01 -10.89 -14.93
C SER A 13 -11.07 -9.73 -15.94
N ARG A 14 -11.16 -10.06 -17.22
CA ARG A 14 -11.15 -9.06 -18.27
C ARG A 14 -11.74 -9.67 -19.53
N PRO A 15 -13.09 -9.82 -19.56
CA PRO A 15 -13.68 -10.58 -20.69
C PRO A 15 -13.33 -9.93 -22.03
N GLY A 16 -13.06 -10.73 -23.06
CA GLY A 16 -12.64 -10.16 -24.38
C GLY A 16 -11.15 -9.85 -24.46
N ARG A 17 -10.46 -9.87 -23.32
CA ARG A 17 -9.07 -9.45 -23.26
C ARG A 17 -8.18 -10.53 -22.62
N GLY A 18 -8.54 -11.78 -22.92
CA GLY A 18 -7.84 -12.94 -22.39
C GLY A 18 -8.28 -13.46 -21.02
N GLU A 19 -7.44 -14.31 -20.42
CA GLU A 19 -7.70 -14.94 -19.11
C GLU A 19 -7.34 -14.04 -17.91
N PRO A 20 -8.00 -14.20 -16.76
CA PRO A 20 -7.69 -13.32 -15.63
C PRO A 20 -6.23 -13.25 -15.23
N ARG A 21 -5.80 -12.03 -14.97
CA ARG A 21 -4.45 -11.83 -14.46
C ARG A 21 -4.41 -12.20 -12.98
N PHE A 22 -3.37 -12.94 -12.57
CA PHE A 22 -3.12 -13.14 -11.14
C PHE A 22 -1.77 -12.53 -10.72
N ILE A 23 -1.81 -11.61 -9.74
CA ILE A 23 -0.59 -10.99 -9.10
C ILE A 23 -0.48 -11.35 -7.63
N ALA A 24 0.73 -11.72 -7.18
CA ALA A 24 0.98 -11.95 -5.76
C ALA A 24 2.21 -11.14 -5.45
N VAL A 25 2.15 -10.40 -4.33
CA VAL A 25 3.29 -9.70 -3.76
C VAL A 25 3.40 -10.06 -2.23
N GLY A 26 4.63 -10.16 -1.72
CA GLY A 26 4.86 -10.53 -0.32
C GLY A 26 5.58 -9.37 0.37
N TYR A 27 5.18 -9.05 1.60
CA TYR A 27 5.80 -7.94 2.38
C TYR A 27 6.25 -8.43 3.74
N VAL A 28 7.31 -7.83 4.27
CA VAL A 28 7.56 -7.91 5.71
C VAL A 28 7.45 -6.44 6.14
N ASP A 29 6.48 -6.15 7.02
CA ASP A 29 6.14 -4.79 7.43
C ASP A 29 5.89 -3.91 6.15
N ASP A 30 6.55 -2.76 6.01
CA ASP A 30 6.37 -1.98 4.75
C ASP A 30 7.40 -2.26 3.65
N THR A 31 8.04 -3.43 3.67
CA THR A 31 9.04 -3.72 2.66
C THR A 31 8.60 -4.87 1.77
N GLN A 32 8.40 -4.60 0.49
CA GLN A 32 8.10 -5.66 -0.47
C GLN A 32 9.32 -6.54 -0.69
N PHE A 33 9.14 -7.86 -0.73
CA PHE A 33 10.29 -8.73 -0.97
C PHE A 33 10.20 -9.75 -2.12
N VAL A 34 9.00 -10.01 -2.63
CA VAL A 34 8.75 -10.87 -3.80
C VAL A 34 7.53 -10.38 -4.61
N ARG A 35 7.50 -10.80 -5.88
CA ARG A 35 6.33 -10.68 -6.73
C ARG A 35 6.21 -11.84 -7.70
N PHE A 36 4.98 -12.03 -8.15
CA PHE A 36 4.67 -12.97 -9.22
C PHE A 36 3.50 -12.37 -9.97
N ASP A 37 3.60 -12.33 -11.29
CA ASP A 37 2.60 -11.75 -12.17
C ASP A 37 2.37 -12.71 -13.35
N SER A 38 1.15 -13.23 -13.45
CA SER A 38 0.83 -14.23 -14.46
C SER A 38 0.91 -13.56 -15.85
N ASP A 39 0.95 -12.24 -15.88
CA ASP A 39 1.11 -11.53 -17.17
C ASP A 39 2.57 -11.32 -17.58
N ALA A 40 3.53 -11.53 -16.69
CA ALA A 40 4.97 -11.35 -17.08
C ALA A 40 5.34 -12.25 -18.26
N ALA A 41 6.36 -11.86 -19.03
CA ALA A 41 6.71 -12.59 -20.28
C ALA A 41 7.06 -14.05 -19.97
N SER A 42 7.83 -14.22 -18.90
N SER A 42 7.84 -14.28 -18.91
CA SER A 42 8.15 -15.50 -18.27
CA SER A 42 8.09 -15.61 -18.36
C SER A 42 7.65 -15.40 -16.81
C SER A 42 7.72 -15.60 -16.86
N PRO A 43 6.47 -15.96 -16.52
CA PRO A 43 5.95 -15.88 -15.16
C PRO A 43 6.72 -16.71 -14.13
N ARG A 44 7.41 -16.00 -13.24
CA ARG A 44 8.10 -16.66 -12.14
C ARG A 44 8.14 -15.78 -10.91
N THR A 45 8.37 -16.37 -9.75
CA THR A 45 8.56 -15.56 -8.52
C THR A 45 9.89 -14.79 -8.63
N GLU A 46 9.85 -13.49 -8.41
CA GLU A 46 11.07 -12.69 -8.51
C GLU A 46 11.33 -11.99 -7.17
N PRO A 47 12.65 -11.84 -6.79
CA PRO A 47 13.05 -11.15 -5.59
C PRO A 47 12.82 -9.66 -5.76
N ARG A 48 12.52 -8.99 -4.65
CA ARG A 48 12.25 -7.54 -4.68
C ARG A 48 12.94 -6.85 -3.49
N ALA A 49 13.71 -7.64 -2.72
CA ALA A 49 14.54 -7.12 -1.63
C ALA A 49 15.89 -7.87 -1.67
N PRO A 50 17.01 -7.19 -1.40
CA PRO A 50 18.30 -7.91 -1.54
C PRO A 50 18.41 -9.15 -0.64
N TRP A 51 17.91 -9.04 0.59
CA TRP A 51 18.03 -10.13 1.59
C TRP A 51 17.29 -11.43 1.23
N ILE A 52 16.37 -11.41 0.26
CA ILE A 52 15.71 -12.66 -0.18
C ILE A 52 16.51 -13.36 -1.32
N GLU A 53 17.50 -12.69 -1.88
CA GLU A 53 18.23 -13.27 -3.02
C GLU A 53 19.03 -14.55 -2.69
N GLN A 54 19.56 -14.61 -1.47
CA GLN A 54 20.31 -15.78 -1.00
C GLN A 54 19.49 -17.06 -0.98
N GLU A 55 18.16 -16.96 -0.89
CA GLU A 55 17.34 -18.17 -0.94
C GLU A 55 17.72 -19.01 -2.15
N GLY A 56 17.72 -20.33 -1.98
CA GLY A 56 18.17 -21.20 -3.05
C GLY A 56 17.14 -21.47 -4.14
N PRO A 57 17.58 -22.16 -5.23
CA PRO A 57 16.64 -22.46 -6.32
C PRO A 57 15.45 -23.28 -5.84
N GLU A 58 15.62 -24.12 -4.82
CA GLU A 58 14.49 -24.86 -4.22
C GLU A 58 13.34 -23.93 -3.75
N TYR A 59 13.73 -22.84 -3.08
CA TYR A 59 12.78 -21.84 -2.59
C TYR A 59 12.01 -21.14 -3.73
N TRP A 60 12.72 -20.68 -4.76
CA TRP A 60 12.07 -20.00 -5.89
C TRP A 60 11.19 -20.95 -6.66
N ASP A 61 11.59 -22.21 -6.70
CA ASP A 61 10.77 -23.22 -7.35
C ASP A 61 9.44 -23.34 -6.58
N ARG A 62 9.52 -23.62 -5.28
CA ARG A 62 8.33 -23.73 -4.41
C ARG A 62 7.34 -22.57 -4.56
N ASN A 63 7.84 -21.35 -4.43
CA ASN A 63 7.06 -20.16 -4.65
C ASN A 63 6.33 -20.17 -6.00
N THR A 64 7.07 -20.50 -7.05
CA THR A 64 6.50 -20.42 -8.39
C THR A 64 5.43 -21.47 -8.62
N GLN A 65 5.61 -22.66 -8.05
CA GLN A 65 4.57 -23.71 -8.18
C GLN A 65 3.24 -23.33 -7.47
N ILE A 66 3.31 -22.62 -6.33
CA ILE A 66 2.12 -22.20 -5.58
C ILE A 66 1.40 -21.09 -6.35
N PHE A 67 2.18 -20.13 -6.86
CA PHE A 67 1.59 -18.99 -7.55
C PHE A 67 0.98 -19.38 -8.90
N LYS A 68 1.57 -20.34 -9.61
CA LYS A 68 0.94 -20.87 -10.87
C LYS A 68 -0.32 -21.67 -10.57
N THR A 69 -0.24 -22.53 -9.55
CA THR A 69 -1.41 -23.27 -9.10
C THR A 69 -2.52 -22.25 -8.69
N ASN A 70 -2.19 -21.22 -7.91
CA ASN A 70 -3.17 -20.15 -7.54
C ASN A 70 -3.73 -19.39 -8.74
N THR A 71 -2.89 -19.16 -9.75
CA THR A 71 -3.33 -18.47 -10.98
C THR A 71 -4.56 -19.23 -11.53
N GLN A 72 -4.46 -20.54 -11.59
CA GLN A 72 -5.55 -21.40 -12.07
C GLN A 72 -6.74 -21.46 -11.12
N THR A 73 -6.48 -21.77 -9.86
CA THR A 73 -7.49 -21.77 -8.84
C THR A 73 -8.31 -20.45 -8.80
N TYR A 74 -7.64 -19.30 -8.79
CA TYR A 74 -8.38 -18.02 -8.84
C TYR A 74 -9.20 -17.77 -10.10
N ARG A 75 -8.72 -18.23 -11.25
CA ARG A 75 -9.56 -18.18 -12.45
C ARG A 75 -10.88 -18.96 -12.24
N GLU A 76 -10.84 -20.09 -11.54
CA GLU A 76 -12.10 -20.77 -11.28
C GLU A 76 -12.94 -20.06 -10.26
N SER A 77 -12.30 -19.49 -9.23
CA SER A 77 -13.04 -18.73 -8.22
C SER A 77 -13.79 -17.50 -8.81
N LEU A 78 -13.12 -16.81 -9.72
CA LEU A 78 -13.74 -15.74 -10.46
C LEU A 78 -14.96 -16.27 -11.20
N ARG A 79 -14.84 -17.42 -11.87
CA ARG A 79 -15.99 -17.99 -12.59
C ARG A 79 -17.10 -18.29 -11.59
N ASN A 80 -16.75 -18.96 -10.48
CA ASN A 80 -17.70 -19.30 -9.42
C ASN A 80 -18.44 -18.13 -8.85
N LEU A 81 -17.71 -17.07 -8.44
CA LEU A 81 -18.30 -15.89 -7.82
C LEU A 81 -19.14 -15.04 -8.76
N ARG A 82 -18.78 -14.99 -10.05
CA ARG A 82 -19.67 -14.38 -11.00
C ARG A 82 -21.06 -15.07 -10.98
N GLY A 83 -21.08 -16.40 -10.99
CA GLY A 83 -22.32 -17.17 -10.80
C GLY A 83 -23.06 -16.87 -9.49
N TYR A 84 -22.32 -16.77 -8.37
CA TYR A 84 -22.93 -16.55 -7.04
C TYR A 84 -23.69 -15.25 -6.98
N TYR A 85 -23.23 -14.27 -7.77
CA TYR A 85 -23.93 -12.97 -7.81
C TYR A 85 -24.83 -12.88 -9.05
N ASN A 86 -25.05 -14.00 -9.74
CA ASN A 86 -25.80 -13.97 -11.02
C ASN A 86 -25.34 -12.89 -12.01
N GLN A 87 -24.03 -12.66 -12.06
CA GLN A 87 -23.45 -11.64 -12.92
C GLN A 87 -23.32 -12.02 -14.38
N SER A 88 -23.40 -11.01 -15.22
CA SER A 88 -23.21 -11.17 -16.66
C SER A 88 -21.78 -11.58 -16.95
N GLU A 89 -21.56 -12.19 -18.10
CA GLU A 89 -20.21 -12.59 -18.48
C GLU A 89 -19.45 -11.40 -19.07
N ALA A 90 -20.17 -10.28 -19.27
CA ALA A 90 -19.54 -9.06 -19.85
C ALA A 90 -18.60 -8.28 -18.94
N GLY A 91 -18.81 -8.34 -17.63
CA GLY A 91 -18.12 -7.46 -16.67
C GLY A 91 -16.76 -7.93 -16.16
N SER A 92 -15.93 -6.96 -15.87
CA SER A 92 -14.65 -7.23 -15.26
C SER A 92 -14.82 -7.28 -13.74
N HIS A 93 -14.26 -8.30 -13.10
CA HIS A 93 -14.34 -8.39 -11.63
C HIS A 93 -13.02 -8.67 -10.96
N ILE A 94 -12.96 -8.41 -9.64
CA ILE A 94 -11.72 -8.59 -8.86
C ILE A 94 -11.90 -9.41 -7.57
N ILE A 95 -11.09 -10.44 -7.36
CA ILE A 95 -10.90 -11.05 -6.02
C ILE A 95 -9.57 -10.60 -5.42
N GLN A 96 -9.57 -10.15 -4.16
CA GLN A 96 -8.35 -9.80 -3.50
C GLN A 96 -8.26 -10.68 -2.28
N ARG A 97 -7.06 -11.07 -1.91
N ARG A 97 -7.04 -11.00 -1.90
CA ARG A 97 -6.85 -11.78 -0.65
CA ARG A 97 -6.81 -11.73 -0.68
C ARG A 97 -5.61 -11.25 0.06
C ARG A 97 -5.60 -11.16 0.06
N MET A 98 -5.68 -11.13 1.39
CA MET A 98 -4.53 -10.72 2.22
C MET A 98 -4.45 -11.59 3.43
N TYR A 99 -3.28 -12.17 3.68
CA TYR A 99 -3.12 -13.07 4.82
C TYR A 99 -1.70 -12.99 5.33
N GLY A 100 -1.49 -13.41 6.57
CA GLY A 100 -0.11 -13.45 7.15
C GLY A 100 -0.19 -13.47 8.67
N CYS A 101 0.94 -13.27 9.32
CA CYS A 101 1.04 -13.47 10.75
C CYS A 101 1.68 -12.22 11.35
N ASP A 102 1.22 -11.83 12.54
CA ASP A 102 1.74 -10.68 13.27
C ASP A 102 2.57 -11.21 14.44
N LEU A 103 3.82 -10.72 14.59
CA LEU A 103 4.66 -11.04 15.73
C LEU A 103 4.71 -9.85 16.74
N GLY A 104 4.68 -10.18 18.03
CA GLY A 104 4.94 -9.17 19.09
C GLY A 104 6.44 -8.89 19.20
N PRO A 105 6.81 -7.86 19.98
CA PRO A 105 8.20 -7.45 20.23
C PRO A 105 9.12 -8.61 20.66
N ASP A 106 8.58 -9.58 21.40
CA ASP A 106 9.27 -10.85 21.73
C ASP A 106 9.55 -11.80 20.56
N GLY A 107 8.82 -11.65 19.47
CA GLY A 107 8.93 -12.61 18.38
C GLY A 107 7.94 -13.75 18.43
N ARG A 108 6.99 -13.70 19.37
N ARG A 108 6.98 -13.71 19.37
CA ARG A 108 5.88 -14.67 19.45
CA ARG A 108 5.89 -14.70 19.42
C ARG A 108 4.73 -14.26 18.51
C ARG A 108 4.69 -14.26 18.57
N LEU A 109 3.93 -15.24 18.07
CA LEU A 109 2.70 -14.97 17.31
C LEU A 109 1.71 -14.14 18.15
N LEU A 110 1.40 -12.93 17.67
CA LEU A 110 0.36 -12.10 18.25
C LEU A 110 -1.00 -12.56 17.68
N ARG A 111 -1.12 -12.66 16.34
CA ARG A 111 -2.32 -13.18 15.66
C ARG A 111 -2.08 -13.52 14.18
N GLY A 112 -2.98 -14.32 13.59
CA GLY A 112 -3.00 -14.56 12.16
C GLY A 112 -4.16 -13.86 11.46
N HIS A 113 -4.04 -13.69 10.14
CA HIS A 113 -5.06 -13.07 9.34
C HIS A 113 -5.23 -13.84 8.03
N ASP A 114 -6.49 -14.02 7.57
CA ASP A 114 -6.75 -14.42 6.17
C ASP A 114 -8.08 -13.87 5.67
N GLN A 115 -8.06 -12.78 4.89
CA GLN A 115 -9.30 -12.14 4.41
C GLN A 115 -9.36 -12.09 2.90
N SER A 116 -10.58 -12.11 2.37
CA SER A 116 -10.82 -12.04 0.94
C SER A 116 -11.92 -11.07 0.68
N ALA A 117 -11.83 -10.45 -0.50
CA ALA A 117 -12.76 -9.44 -0.92
C ALA A 117 -13.13 -9.77 -2.35
N TYR A 118 -14.31 -9.30 -2.75
CA TYR A 118 -14.80 -9.41 -4.11
C TYR A 118 -15.30 -8.04 -4.53
N ASP A 119 -14.75 -7.52 -5.64
CA ASP A 119 -15.00 -6.18 -6.13
C ASP A 119 -14.83 -5.07 -5.05
N GLY A 120 -13.79 -5.21 -4.22
CA GLY A 120 -13.47 -4.25 -3.15
C GLY A 120 -14.40 -4.28 -1.92
N LYS A 121 -15.26 -5.27 -1.78
CA LYS A 121 -16.10 -5.40 -0.58
C LYS A 121 -15.65 -6.64 0.13
N ASP A 122 -15.65 -6.61 1.46
CA ASP A 122 -15.35 -7.79 2.27
C ASP A 122 -16.23 -8.92 1.82
N TYR A 123 -15.65 -10.11 1.75
CA TYR A 123 -16.36 -11.24 1.22
C TYR A 123 -16.32 -12.34 2.29
N ILE A 124 -15.13 -12.85 2.61
CA ILE A 124 -14.98 -13.83 3.72
C ILE A 124 -13.68 -13.64 4.49
N ALA A 125 -13.72 -13.87 5.80
CA ALA A 125 -12.53 -13.62 6.63
C ALA A 125 -12.39 -14.73 7.64
N LEU A 126 -11.17 -15.26 7.82
CA LEU A 126 -10.90 -16.19 8.92
C LEU A 126 -10.95 -15.40 10.21
N ASN A 127 -11.71 -15.86 11.21
CA ASN A 127 -11.78 -15.18 12.51
C ASN A 127 -10.47 -15.33 13.29
N GLU A 128 -10.31 -14.52 14.33
CA GLU A 128 -9.07 -14.51 15.08
C GLU A 128 -8.72 -15.85 15.76
N ASP A 129 -9.74 -16.66 16.07
CA ASP A 129 -9.53 -18.06 16.54
C ASP A 129 -8.80 -18.97 15.55
N LEU A 130 -8.70 -18.52 14.31
CA LEU A 130 -8.12 -19.33 13.24
C LEU A 130 -8.89 -20.65 13.08
N SER A 131 -10.17 -20.69 13.45
CA SER A 131 -10.93 -21.93 13.38
C SER A 131 -12.25 -21.79 12.67
N SER A 132 -12.77 -20.57 12.57
CA SER A 132 -14.11 -20.33 12.04
C SER A 132 -14.05 -19.11 11.08
N TRP A 133 -15.16 -18.87 10.40
CA TRP A 133 -15.20 -17.92 9.27
C TRP A 133 -16.29 -16.90 9.51
N THR A 134 -16.08 -15.71 8.98
CA THR A 134 -17.16 -14.74 8.90
C THR A 134 -17.41 -14.44 7.41
N ALA A 135 -18.61 -14.73 6.93
CA ALA A 135 -19.00 -14.57 5.52
C ALA A 135 -19.89 -13.34 5.44
N ALA A 136 -19.63 -12.46 4.47
CA ALA A 136 -20.31 -11.16 4.42
C ALA A 136 -21.76 -11.26 3.91
N ASP A 137 -22.05 -12.33 3.16
CA ASP A 137 -23.36 -12.42 2.52
C ASP A 137 -23.60 -13.86 2.15
N THR A 138 -24.68 -14.14 1.42
N THR A 138 -24.68 -14.08 1.40
CA THR A 138 -25.09 -15.51 1.16
CA THR A 138 -25.17 -15.40 1.08
C THR A 138 -24.24 -16.20 0.09
C THR A 138 -24.26 -16.15 0.10
N ALA A 139 -23.61 -15.40 -0.77
CA ALA A 139 -22.63 -15.93 -1.73
C ALA A 139 -21.39 -16.44 -0.99
N ALA A 140 -20.87 -15.63 -0.08
CA ALA A 140 -19.71 -16.06 0.72
C ALA A 140 -20.02 -17.26 1.63
N GLN A 141 -21.29 -17.41 1.99
CA GLN A 141 -21.71 -18.61 2.77
C GLN A 141 -21.49 -19.87 1.93
N ILE A 142 -21.67 -19.78 0.60
CA ILE A 142 -21.34 -20.91 -0.26
C ILE A 142 -19.83 -21.26 -0.19
N THR A 143 -18.96 -20.26 -0.40
CA THR A 143 -17.49 -20.40 -0.20
C THR A 143 -17.21 -20.99 1.16
N GLN A 144 -17.85 -20.45 2.19
CA GLN A 144 -17.65 -20.98 3.56
C GLN A 144 -17.92 -22.49 3.65
N ARG A 145 -19.10 -22.94 3.20
CA ARG A 145 -19.40 -24.38 3.21
C ARG A 145 -18.31 -25.15 2.49
N LYS A 146 -17.81 -24.65 1.36
CA LYS A 146 -16.72 -25.36 0.65
C LYS A 146 -15.43 -25.34 1.43
N TRP A 147 -15.10 -24.20 2.04
CA TRP A 147 -13.88 -24.14 2.86
C TRP A 147 -14.01 -24.98 4.14
N GLU A 148 -15.20 -25.06 4.73
CA GLU A 148 -15.35 -26.01 5.85
C GLU A 148 -15.14 -27.48 5.41
N ALA A 149 -15.62 -27.86 4.22
CA ALA A 149 -15.47 -29.23 3.70
C ALA A 149 -14.03 -29.61 3.40
N ALA A 150 -13.22 -28.65 3.00
CA ALA A 150 -11.84 -29.00 2.70
C ALA A 150 -10.93 -28.77 3.91
N ARG A 151 -11.51 -28.54 5.08
CA ARG A 151 -10.79 -28.18 6.32
C ARG A 151 -9.79 -27.06 6.08
N VAL A 152 -10.17 -26.01 5.34
CA VAL A 152 -9.19 -24.92 5.07
C VAL A 152 -8.73 -24.17 6.32
N ALA A 153 -9.62 -23.93 7.27
CA ALA A 153 -9.20 -23.19 8.48
C ALA A 153 -8.11 -23.99 9.22
N GLU A 154 -8.29 -25.30 9.33
CA GLU A 154 -7.28 -26.13 9.99
C GLU A 154 -5.91 -25.97 9.33
N GLN A 155 -5.91 -25.98 8.00
CA GLN A 155 -4.66 -25.92 7.25
C GLN A 155 -4.01 -24.55 7.45
N LEU A 156 -4.82 -23.48 7.37
CA LEU A 156 -4.32 -22.11 7.60
C LEU A 156 -3.83 -21.86 9.02
N ARG A 157 -4.55 -22.37 10.02
CA ARG A 157 -3.99 -22.32 11.37
C ARG A 157 -2.59 -22.95 11.43
N ALA A 158 -2.44 -24.17 10.87
CA ALA A 158 -1.13 -24.83 10.88
C ALA A 158 -0.04 -23.97 10.21
N TYR A 159 -0.35 -23.34 9.06
CA TYR A 159 0.62 -22.46 8.37
C TYR A 159 0.89 -21.20 9.19
N LEU A 160 -0.16 -20.54 9.63
CA LEU A 160 -0.01 -19.27 10.34
C LEU A 160 0.77 -19.43 11.61
N GLU A 161 0.49 -20.48 12.39
CA GLU A 161 1.22 -20.71 13.62
C GLU A 161 2.60 -21.30 13.43
N GLY A 162 2.84 -21.91 12.26
CA GLY A 162 4.06 -22.65 11.99
C GLY A 162 4.96 -21.99 10.96
N LEU A 163 4.79 -22.38 9.69
CA LEU A 163 5.66 -21.86 8.60
C LEU A 163 5.72 -20.34 8.48
N CYS A 164 4.59 -19.69 8.58
CA CYS A 164 4.52 -18.24 8.42
C CYS A 164 5.49 -17.62 9.41
N VAL A 165 5.40 -18.05 10.67
CA VAL A 165 6.19 -17.43 11.77
C VAL A 165 7.67 -17.74 11.64
N GLU A 166 8.00 -18.99 11.34
CA GLU A 166 9.39 -19.42 11.16
C GLU A 166 10.04 -18.65 10.03
N TRP A 167 9.36 -18.54 8.88
CA TRP A 167 9.91 -17.78 7.75
C TRP A 167 10.07 -16.28 8.02
N LEU A 168 9.03 -15.68 8.61
CA LEU A 168 9.15 -14.25 8.99
C LEU A 168 10.38 -14.01 9.86
N ARG A 169 10.58 -14.84 10.89
CA ARG A 169 11.76 -14.83 11.76
C ARG A 169 13.08 -15.07 10.98
N ARG A 170 13.04 -15.95 9.98
CA ARG A 170 14.20 -16.13 9.08
C ARG A 170 14.49 -14.85 8.30
N TYR A 171 13.44 -14.20 7.78
CA TYR A 171 13.57 -12.97 6.97
C TYR A 171 14.07 -11.80 7.81
N LEU A 172 13.51 -11.62 9.00
CA LEU A 172 13.95 -10.59 9.93
C LEU A 172 15.44 -10.69 10.29
N GLU A 173 15.93 -11.93 10.42
CA GLU A 173 17.34 -12.16 10.62
C GLU A 173 18.16 -11.84 9.39
N ASN A 174 17.79 -12.43 8.25
CA ASN A 174 18.55 -12.19 7.00
C ASN A 174 18.52 -10.74 6.58
N GLY A 175 17.42 -10.04 6.87
CA GLY A 175 17.36 -8.61 6.54
C GLY A 175 17.53 -7.69 7.75
N LYS A 176 18.23 -8.12 8.78
CA LYS A 176 18.20 -7.37 10.05
C LYS A 176 18.68 -5.91 9.97
N GLU A 177 19.57 -5.61 9.02
CA GLU A 177 20.14 -4.28 8.92
C GLU A 177 19.14 -3.22 8.49
N THR A 178 18.11 -3.65 7.75
CA THR A 178 17.03 -2.78 7.32
C THR A 178 15.69 -3.12 7.99
N LEU A 179 15.29 -4.41 8.03
CA LEU A 179 13.97 -4.72 8.58
C LEU A 179 13.86 -4.43 10.09
N GLN A 180 14.95 -4.56 10.85
CA GLN A 180 14.89 -4.34 12.27
C GLN A 180 15.48 -2.98 12.62
N ARG A 181 15.49 -2.08 11.64
CA ARG A 181 16.02 -0.70 11.81
C ARG A 181 14.94 0.32 11.50
N ALA A 182 14.59 1.14 12.47
CA ALA A 182 13.61 2.20 12.35
C ALA A 182 14.32 3.52 12.08
N ASP A 183 13.92 4.23 11.02
CA ASP A 183 14.52 5.54 10.65
C ASP A 183 13.56 6.65 11.06
N PRO A 184 13.97 7.52 12.00
CA PRO A 184 13.07 8.56 12.48
C PRO A 184 12.78 9.62 11.39
N PRO A 185 11.67 10.36 11.52
CA PRO A 185 11.39 11.38 10.53
C PRO A 185 12.36 12.53 10.70
N LYS A 186 12.70 13.20 9.61
CA LYS A 186 13.35 14.49 9.66
C LYS A 186 12.20 15.50 9.57
N THR A 187 12.13 16.45 10.49
CA THR A 187 10.97 17.32 10.57
C THR A 187 11.26 18.81 10.44
N HIS A 188 10.31 19.56 9.87
CA HIS A 188 10.35 21.03 9.93
C HIS A 188 8.95 21.63 9.82
N VAL A 189 8.88 22.94 9.97
CA VAL A 189 7.62 23.63 9.95
C VAL A 189 7.81 24.74 8.95
N THR A 190 6.90 24.83 7.99
CA THR A 190 6.92 25.92 7.03
C THR A 190 5.72 26.85 7.30
N HIS A 191 5.84 28.12 6.89
CA HIS A 191 4.84 29.17 7.14
C HIS A 191 4.55 29.86 5.79
N HIS A 192 3.30 29.84 5.32
CA HIS A 192 2.93 30.60 4.11
C HIS A 192 1.70 31.45 4.39
N PRO A 193 1.82 32.77 4.20
CA PRO A 193 0.60 33.57 4.22
C PRO A 193 -0.40 33.09 3.18
N VAL A 194 -1.66 32.97 3.57
CA VAL A 194 -2.74 32.75 2.60
C VAL A 194 -3.65 33.99 2.49
N SER A 195 -3.35 35.01 3.30
CA SER A 195 -4.18 36.19 3.48
C SER A 195 -3.38 37.20 4.35
N ASP A 196 -3.93 38.36 4.63
CA ASP A 196 -3.27 39.26 5.58
C ASP A 196 -3.69 38.95 7.01
N HIS A 197 -4.76 38.18 7.14
CA HIS A 197 -5.42 37.87 8.39
C HIS A 197 -4.95 36.50 8.92
N GLU A 198 -4.57 35.60 8.01
CA GLU A 198 -4.16 34.26 8.43
C GLU A 198 -3.00 33.67 7.62
N ALA A 199 -2.47 32.55 8.09
CA ALA A 199 -1.31 31.88 7.46
C ALA A 199 -1.34 30.38 7.72
N THR A 200 -0.81 29.62 6.76
CA THR A 200 -0.74 28.15 6.89
C THR A 200 0.59 27.75 7.55
N LEU A 201 0.52 26.83 8.53
CA LEU A 201 1.70 26.19 9.11
C LEU A 201 1.63 24.74 8.68
N ARG A 202 2.72 24.26 8.11
CA ARG A 202 2.74 22.88 7.62
C ARG A 202 3.91 22.21 8.26
N CYS A 203 3.61 21.12 8.94
CA CYS A 203 4.61 20.36 9.65
C CYS A 203 4.96 19.13 8.80
N TRP A 204 6.25 18.99 8.46
CA TRP A 204 6.77 17.93 7.58
C TRP A 204 7.52 16.79 8.31
N ALA A 205 7.22 15.55 7.92
CA ALA A 205 8.00 14.40 8.36
C ALA A 205 8.51 13.77 7.09
N LEU A 206 9.82 13.53 7.01
CA LEU A 206 10.44 12.99 5.77
C LEU A 206 11.43 11.91 6.15
N GLY A 207 11.60 10.94 5.28
CA GLY A 207 12.71 10.00 5.39
C GLY A 207 12.44 8.91 6.43
N PHE A 208 11.19 8.64 6.80
CA PHE A 208 10.99 7.69 7.90
C PHE A 208 10.68 6.23 7.49
N TYR A 209 11.02 5.27 8.33
CA TYR A 209 10.65 3.87 8.11
C TYR A 209 10.45 3.28 9.53
N PRO A 210 9.27 2.65 9.81
CA PRO A 210 8.28 2.29 8.81
C PRO A 210 7.25 3.38 8.66
N ALA A 211 6.16 3.08 7.93
CA ALA A 211 5.19 4.11 7.50
C ALA A 211 4.41 4.68 8.66
N GLU A 212 4.12 3.85 9.68
CA GLU A 212 3.34 4.27 10.88
C GLU A 212 3.94 5.51 11.54
N ILE A 213 3.14 6.56 11.66
CA ILE A 213 3.61 7.78 12.28
C ILE A 213 2.37 8.47 12.77
N THR A 214 2.53 9.37 13.74
N THR A 214 2.49 9.33 13.77
CA THR A 214 1.46 10.24 14.18
CA THR A 214 1.39 10.24 14.07
C THR A 214 1.90 11.70 14.13
C THR A 214 1.88 11.68 14.12
N LEU A 215 1.16 12.54 13.41
CA LEU A 215 1.46 13.97 13.25
C LEU A 215 0.22 14.77 13.63
N THR A 216 0.33 15.62 14.66
CA THR A 216 -0.83 16.35 15.19
C THR A 216 -0.46 17.79 15.41
N TRP A 217 -1.40 18.71 15.14
CA TRP A 217 -1.23 20.11 15.55
C TRP A 217 -2.06 20.36 16.81
N GLN A 218 -1.54 21.22 17.69
CA GLN A 218 -2.26 21.64 18.90
C GLN A 218 -2.25 23.15 18.97
N ARG A 219 -3.34 23.74 19.47
CA ARG A 219 -3.41 25.19 19.72
C ARG A 219 -3.62 25.34 21.20
N ASP A 220 -2.72 26.07 21.85
CA ASP A 220 -2.77 26.21 23.31
C ASP A 220 -2.81 24.84 24.01
N GLY A 221 -2.18 23.84 23.40
CA GLY A 221 -2.03 22.53 24.04
C GLY A 221 -3.17 21.53 23.81
N GLU A 222 -4.05 21.81 22.86
CA GLU A 222 -5.16 20.90 22.56
C GLU A 222 -5.30 20.63 21.05
N ASP A 223 -5.57 19.36 20.72
CA ASP A 223 -5.66 18.88 19.34
C ASP A 223 -6.54 19.74 18.45
N GLN A 224 -6.05 20.03 17.26
CA GLN A 224 -6.85 20.72 16.28
C GLN A 224 -7.26 19.71 15.22
N THR A 225 -7.94 18.65 15.65
CA THR A 225 -8.25 17.53 14.77
C THR A 225 -9.06 17.87 13.52
N GLN A 226 -10.16 18.62 13.68
N GLN A 226 -10.15 18.63 13.69
CA GLN A 226 -10.98 18.98 12.53
CA GLN A 226 -10.99 18.99 12.54
C GLN A 226 -10.32 20.04 11.66
C GLN A 226 -10.53 20.25 11.79
N ASP A 227 -9.42 20.83 12.25
CA ASP A 227 -8.82 21.97 11.57
C ASP A 227 -7.52 21.58 10.89
N THR A 228 -7.02 20.38 11.19
CA THR A 228 -5.78 19.94 10.56
C THR A 228 -6.04 19.32 9.20
N GLU A 229 -5.34 19.80 8.16
CA GLU A 229 -5.34 19.06 6.90
C GLU A 229 -4.20 18.04 6.94
N LEU A 230 -4.57 16.77 6.86
CA LEU A 230 -3.64 15.65 7.00
C LEU A 230 -3.55 14.93 5.67
N VAL A 231 -2.39 14.97 5.03
CA VAL A 231 -2.24 14.28 3.76
C VAL A 231 -1.85 12.79 4.05
N GLU A 232 -2.19 11.88 3.14
CA GLU A 232 -1.92 10.45 3.31
C GLU A 232 -0.40 10.23 3.27
N THR A 233 0.10 9.35 4.15
CA THR A 233 1.49 8.90 4.13
C THR A 233 1.88 8.34 2.72
N ARG A 234 3.00 8.80 2.17
CA ARG A 234 3.34 8.54 0.77
C ARG A 234 4.76 7.98 0.74
N PRO A 235 5.04 7.00 -0.15
CA PRO A 235 6.39 6.47 -0.29
C PRO A 235 7.29 7.43 -1.08
N ALA A 236 8.57 7.49 -0.66
CA ALA A 236 9.60 8.29 -1.31
C ALA A 236 10.21 7.59 -2.52
N GLY A 237 10.22 6.26 -2.47
CA GLY A 237 10.77 5.41 -3.52
C GLY A 237 12.15 4.90 -3.17
N ASP A 238 12.63 5.29 -1.98
CA ASP A 238 13.92 4.85 -1.44
C ASP A 238 13.68 4.04 -0.14
N ARG A 239 12.49 3.42 -0.04
CA ARG A 239 12.04 2.64 1.13
C ARG A 239 11.38 3.49 2.20
N THR A 240 11.63 4.81 2.20
CA THR A 240 11.08 5.68 3.27
C THR A 240 9.79 6.34 2.85
N PHE A 241 9.12 6.98 3.83
CA PHE A 241 7.80 7.56 3.66
C PHE A 241 7.84 9.03 4.08
N GLN A 242 6.82 9.78 3.69
CA GLN A 242 6.70 11.20 3.97
C GLN A 242 5.26 11.52 4.45
N LYS A 243 5.07 12.62 5.16
CA LYS A 243 3.73 13.06 5.54
C LYS A 243 3.78 14.52 5.92
N TRP A 244 2.72 15.29 5.70
CA TRP A 244 2.62 16.56 6.39
C TRP A 244 1.23 16.77 6.97
N ALA A 245 1.11 17.79 7.82
CA ALA A 245 -0.13 18.20 8.47
C ALA A 245 -0.11 19.72 8.47
N ALA A 246 -1.19 20.35 8.01
CA ALA A 246 -1.24 21.82 7.90
C ALA A 246 -2.39 22.37 8.74
N VAL A 247 -2.20 23.56 9.30
CA VAL A 247 -3.27 24.34 9.91
C VAL A 247 -3.18 25.79 9.47
N VAL A 248 -4.36 26.42 9.36
CA VAL A 248 -4.49 27.82 9.03
C VAL A 248 -4.76 28.59 10.32
N VAL A 249 -3.86 29.52 10.63
CA VAL A 249 -3.83 30.14 11.94
C VAL A 249 -4.01 31.64 11.77
N PRO A 250 -4.63 32.30 12.78
CA PRO A 250 -4.62 33.77 12.78
C PRO A 250 -3.21 34.27 12.85
N SER A 251 -2.93 35.27 12.04
CA SER A 251 -1.66 35.92 12.08
C SER A 251 -1.67 36.90 13.28
N GLY A 252 -0.58 37.09 14.00
CA GLY A 252 0.44 36.10 14.25
C GLY A 252 0.14 35.48 15.63
N GLU A 253 -0.65 34.42 15.63
CA GLU A 253 -0.83 33.55 16.80
C GLU A 253 -0.01 32.28 16.61
N GLU A 254 1.02 32.40 15.76
CA GLU A 254 1.79 31.23 15.29
C GLU A 254 2.43 30.52 16.45
N GLN A 255 2.82 31.26 17.48
CA GLN A 255 3.50 30.65 18.63
C GLN A 255 2.62 29.78 19.51
N ARG A 256 1.32 29.85 19.30
CA ARG A 256 0.37 29.08 20.14
C ARG A 256 0.17 27.68 19.58
N TYR A 257 0.81 27.41 18.44
CA TYR A 257 0.64 26.12 17.77
C TYR A 257 1.88 25.24 17.87
N THR A 258 1.67 23.97 18.21
CA THR A 258 2.78 23.05 18.27
C THR A 258 2.46 21.83 17.43
N CYS A 259 3.46 21.42 16.68
CA CYS A 259 3.38 20.17 15.94
C CYS A 259 3.94 19.01 16.75
N HIS A 260 3.21 17.91 16.83
CA HIS A 260 3.60 16.76 17.63
C HIS A 260 3.86 15.55 16.75
N VAL A 261 5.03 14.94 16.96
CA VAL A 261 5.47 13.85 16.12
C VAL A 261 5.73 12.57 16.93
N GLN A 262 5.05 11.48 16.61
CA GLN A 262 5.47 10.21 17.18
C GLN A 262 5.86 9.23 16.09
N HIS A 263 6.98 8.54 16.28
CA HIS A 263 7.43 7.49 15.39
C HIS A 263 8.31 6.50 16.15
N GLU A 264 8.20 5.22 15.82
CA GLU A 264 8.92 4.16 16.53
C GLU A 264 10.42 4.43 16.54
N GLY A 265 10.93 5.11 15.52
CA GLY A 265 12.35 5.39 15.43
C GLY A 265 12.91 6.61 16.19
N LEU A 266 12.09 7.28 16.98
CA LEU A 266 12.54 8.51 17.63
C LEU A 266 13.12 8.23 19.03
N PRO A 267 14.23 8.96 19.39
CA PRO A 267 14.68 9.00 20.80
C PRO A 267 13.51 9.31 21.75
N LYS A 268 12.79 10.42 21.52
CA LYS A 268 11.63 10.90 22.31
C LYS A 268 10.56 11.42 21.30
N PRO A 269 9.26 11.41 21.67
CA PRO A 269 8.29 12.17 20.83
C PRO A 269 8.67 13.67 20.72
N LEU A 270 8.46 14.26 19.54
CA LEU A 270 8.93 15.61 19.27
C LEU A 270 7.83 16.66 19.35
N THR A 271 8.21 17.86 19.76
CA THR A 271 7.36 19.02 19.74
C THR A 271 8.09 20.08 18.91
N LEU A 272 7.45 20.55 17.84
CA LEU A 272 8.00 21.57 16.94
C LEU A 272 7.11 22.81 16.84
N ARG A 273 7.73 23.95 16.58
CA ARG A 273 6.97 25.14 16.17
C ARG A 273 7.63 25.79 14.98
N TRP A 274 6.94 26.75 14.36
CA TRP A 274 7.58 27.59 13.34
C TRP A 274 8.70 28.39 14.02
N GLU A 275 9.88 28.37 13.41
CA GLU A 275 11.00 29.20 13.88
C GLU A 275 11.25 30.23 12.82
N PRO A 276 10.67 31.43 12.99
CA PRO A 276 10.77 32.46 11.93
C PRO A 276 12.23 32.71 11.52
N MET B 1 -22.33 -1.82 -8.36
CA MET B 1 -20.95 -2.16 -7.94
C MET B 1 -20.18 -0.89 -7.64
N ILE B 2 -19.48 -0.91 -6.51
CA ILE B 2 -18.85 0.28 -5.96
C ILE B 2 -17.51 0.58 -6.60
N GLN B 3 -17.35 1.81 -7.08
CA GLN B 3 -16.03 2.27 -7.55
C GLN B 3 -15.48 3.45 -6.71
N ARG B 4 -14.14 3.54 -6.64
CA ARG B 4 -13.44 4.55 -5.83
C ARG B 4 -12.36 5.27 -6.67
N THR B 5 -12.44 6.60 -6.62
N THR B 5 -12.44 6.61 -6.68
CA THR B 5 -11.60 7.50 -7.41
CA THR B 5 -11.59 7.44 -7.52
C THR B 5 -10.22 7.59 -6.77
C THR B 5 -10.26 7.67 -6.82
N PRO B 6 -9.16 7.76 -7.60
CA PRO B 6 -7.82 7.82 -7.04
C PRO B 6 -7.57 9.14 -6.36
N LYS B 7 -6.87 9.05 -5.22
N LYS B 7 -6.90 9.08 -5.20
CA LYS B 7 -6.19 10.19 -4.64
CA LYS B 7 -6.21 10.21 -4.63
C LYS B 7 -4.86 10.37 -5.38
C LYS B 7 -4.88 10.36 -5.37
N ILE B 8 -4.44 11.59 -5.62
CA ILE B 8 -3.20 11.86 -6.34
C ILE B 8 -2.29 12.81 -5.57
N GLN B 9 -1.03 12.41 -5.40
CA GLN B 9 -0.01 13.33 -4.91
C GLN B 9 1.18 13.35 -5.81
N VAL B 10 1.67 14.56 -6.08
CA VAL B 10 2.87 14.79 -6.92
C VAL B 10 3.91 15.49 -6.05
N TYR B 11 5.12 14.92 -5.99
CA TYR B 11 6.13 15.39 -5.07
C TYR B 11 7.46 14.76 -5.46
N SER B 12 8.52 15.18 -4.79
CA SER B 12 9.84 14.73 -5.13
C SER B 12 10.39 13.85 -4.01
N ARG B 13 11.18 12.87 -4.40
CA ARG B 13 11.82 11.98 -3.45
C ARG B 13 12.67 12.70 -2.41
N HIS B 14 13.54 13.61 -2.84
CA HIS B 14 14.34 14.44 -1.90
C HIS B 14 13.84 15.88 -1.94
N PRO B 15 14.13 16.69 -0.89
CA PRO B 15 13.72 18.11 -1.02
C PRO B 15 14.21 18.70 -2.39
N ALA B 16 13.38 19.49 -3.07
CA ALA B 16 13.76 20.03 -4.40
C ALA B 16 14.88 21.06 -4.35
N GLU B 17 15.84 20.93 -5.26
CA GLU B 17 16.94 21.92 -5.38
C GLU B 17 17.25 22.08 -6.86
N ASN B 18 17.08 23.30 -7.37
CA ASN B 18 17.31 23.56 -8.79
C ASN B 18 18.67 23.05 -9.28
N GLY B 19 18.68 22.40 -10.44
CA GLY B 19 19.91 21.89 -11.02
C GLY B 19 20.50 20.66 -10.33
N LYS B 20 19.83 20.16 -9.28
CA LYS B 20 20.18 18.88 -8.64
C LYS B 20 19.22 17.73 -9.06
N SER B 21 19.80 16.65 -9.54
CA SER B 21 19.04 15.49 -10.00
C SER B 21 18.31 14.85 -8.81
N ASN B 22 17.08 14.42 -9.06
CA ASN B 22 16.15 14.00 -8.01
C ASN B 22 15.19 12.98 -8.68
N PHE B 23 14.10 12.64 -7.98
CA PHE B 23 13.04 11.83 -8.56
C PHE B 23 11.71 12.53 -8.38
N LEU B 24 10.96 12.55 -9.48
CA LEU B 24 9.59 13.04 -9.51
C LEU B 24 8.70 11.83 -9.34
N ASN B 25 7.79 11.95 -8.37
CA ASN B 25 6.95 10.84 -7.94
C ASN B 25 5.50 11.21 -8.22
N CYS B 26 4.71 10.24 -8.66
CA CYS B 26 3.25 10.41 -8.65
C CYS B 26 2.63 9.18 -8.04
N TYR B 27 1.97 9.42 -6.91
CA TYR B 27 1.44 8.36 -6.06
C TYR B 27 -0.08 8.38 -6.15
N VAL B 28 -0.63 7.31 -6.73
CA VAL B 28 -2.10 7.15 -6.77
C VAL B 28 -2.48 6.10 -5.80
N SER B 29 -3.54 6.39 -5.08
CA SER B 29 -4.00 5.54 -4.00
C SER B 29 -5.49 5.69 -3.80
N GLY B 30 -6.08 4.79 -3.02
CA GLY B 30 -7.48 4.85 -2.69
C GLY B 30 -8.40 4.45 -3.80
N PHE B 31 -7.87 3.84 -4.88
CA PHE B 31 -8.77 3.61 -6.03
C PHE B 31 -9.21 2.17 -6.19
N HIS B 32 -10.34 1.99 -6.87
CA HIS B 32 -10.86 0.68 -7.15
C HIS B 32 -11.86 0.88 -8.29
N PRO B 33 -11.76 0.08 -9.35
CA PRO B 33 -10.86 -1.06 -9.51
C PRO B 33 -9.42 -0.64 -9.98
N SER B 34 -8.60 -1.62 -10.37
CA SER B 34 -7.15 -1.36 -10.38
C SER B 34 -6.59 -0.79 -11.68
N ASP B 35 -7.31 -0.92 -12.80
CA ASP B 35 -6.85 -0.35 -14.04
C ASP B 35 -6.77 1.14 -13.87
N ILE B 36 -5.66 1.73 -14.29
CA ILE B 36 -5.46 3.17 -14.17
C ILE B 36 -4.37 3.59 -15.16
N GLU B 37 -4.43 4.81 -15.65
CA GLU B 37 -3.28 5.31 -16.38
C GLU B 37 -2.71 6.60 -15.80
N VAL B 38 -1.40 6.61 -15.72
CA VAL B 38 -0.69 7.62 -15.03
C VAL B 38 0.45 7.98 -15.95
N ASP B 39 0.54 9.27 -16.25
CA ASP B 39 1.67 9.84 -16.95
C ASP B 39 2.23 11.01 -16.15
N LEU B 40 3.55 11.13 -16.19
CA LEU B 40 4.27 12.30 -15.72
C LEU B 40 4.53 13.20 -16.94
N LEU B 41 4.34 14.50 -16.75
CA LEU B 41 4.41 15.51 -17.80
C LEU B 41 5.51 16.55 -17.44
N LYS B 42 6.21 17.00 -18.46
CA LYS B 42 7.23 18.05 -18.37
C LYS B 42 6.77 19.11 -19.36
N ASN B 43 6.41 20.29 -18.86
CA ASN B 43 5.81 21.35 -19.67
C ASN B 43 4.69 20.81 -20.60
N GLY B 44 3.78 20.02 -20.01
CA GLY B 44 2.64 19.47 -20.72
C GLY B 44 2.88 18.28 -21.65
N GLU B 45 4.12 17.81 -21.75
CA GLU B 45 4.45 16.68 -22.66
C GLU B 45 4.82 15.37 -21.92
N ARG B 46 4.29 14.25 -22.39
CA ARG B 46 4.53 12.94 -21.75
C ARG B 46 6.01 12.52 -21.64
N ILE B 47 6.49 12.27 -20.42
CA ILE B 47 7.88 11.81 -20.21
C ILE B 47 7.97 10.31 -20.54
N GLU B 48 9.07 9.91 -21.16
CA GLU B 48 9.09 8.59 -21.75
C GLU B 48 9.42 7.51 -20.76
N LYS B 49 10.60 7.53 -20.17
CA LYS B 49 10.95 6.37 -19.37
C LYS B 49 10.42 6.55 -17.96
N VAL B 50 9.23 6.02 -17.69
CA VAL B 50 8.62 6.10 -16.35
C VAL B 50 8.48 4.70 -15.78
N GLU B 51 8.98 4.47 -14.56
CA GLU B 51 8.75 3.20 -13.88
C GLU B 51 7.62 3.32 -12.83
N HIS B 52 7.07 2.17 -12.40
CA HIS B 52 6.10 2.14 -11.34
C HIS B 52 6.30 0.95 -10.41
N SER B 53 5.76 1.02 -9.19
CA SER B 53 5.83 -0.11 -8.25
C SER B 53 4.87 -1.25 -8.72
N ASP B 54 4.99 -2.44 -8.11
CA ASP B 54 4.08 -3.56 -8.40
C ASP B 54 2.74 -3.24 -7.74
N LEU B 55 1.64 -3.64 -8.38
CA LEU B 55 0.28 -3.48 -7.82
C LEU B 55 0.09 -4.09 -6.43
N SER B 56 -0.41 -3.28 -5.50
CA SER B 56 -0.73 -3.78 -4.15
C SER B 56 -1.90 -2.98 -3.61
N PHE B 57 -2.33 -3.31 -2.40
CA PHE B 57 -3.50 -2.64 -1.91
C PHE B 57 -3.42 -2.46 -0.40
N SER B 58 -4.26 -1.59 0.13
CA SER B 58 -4.28 -1.22 1.54
C SER B 58 -5.35 -2.08 2.24
N LYS B 59 -5.52 -1.89 3.54
CA LYS B 59 -6.35 -2.78 4.38
C LYS B 59 -7.79 -2.58 4.00
N ASP B 60 -8.09 -1.40 3.46
CA ASP B 60 -9.42 -1.19 2.90
C ASP B 60 -9.65 -1.74 1.49
N TRP B 61 -8.74 -2.58 0.96
CA TRP B 61 -8.84 -3.17 -0.40
C TRP B 61 -8.55 -2.23 -1.57
N SER B 62 -8.44 -0.92 -1.33
CA SER B 62 -8.11 0.05 -2.37
C SER B 62 -6.64 -0.06 -2.73
N PHE B 63 -6.41 0.07 -4.04
CA PHE B 63 -5.13 -0.13 -4.69
C PHE B 63 -4.29 1.14 -4.58
N TYR B 64 -2.98 0.98 -4.76
CA TYR B 64 -2.08 2.12 -4.80
C TYR B 64 -0.88 1.78 -5.68
N LEU B 65 -0.35 2.81 -6.33
CA LEU B 65 0.82 2.69 -7.22
C LEU B 65 1.70 3.90 -7.09
N LEU B 66 3.02 3.69 -7.21
CA LEU B 66 3.96 4.81 -7.32
C LEU B 66 4.60 4.82 -8.71
N TYR B 67 4.40 5.92 -9.43
CA TYR B 67 5.07 6.20 -10.70
C TYR B 67 6.18 7.20 -10.40
N TYR B 68 7.31 7.05 -11.09
CA TYR B 68 8.49 7.83 -10.80
C TYR B 68 9.44 7.88 -11.97
N THR B 69 10.14 8.99 -12.06
CA THR B 69 11.19 9.16 -13.07
C THR B 69 12.27 10.05 -12.49
N GLU B 70 13.52 9.77 -12.86
CA GLU B 70 14.62 10.71 -12.64
C GLU B 70 14.31 12.08 -13.29
N PHE B 71 14.56 13.17 -12.57
CA PHE B 71 14.50 14.50 -13.16
C PHE B 71 15.43 15.50 -12.45
N THR B 72 15.66 16.64 -13.09
CA THR B 72 16.46 17.73 -12.52
C THR B 72 15.60 18.97 -12.55
N PRO B 73 15.06 19.36 -11.38
CA PRO B 73 14.20 20.57 -11.30
C PRO B 73 14.92 21.83 -11.74
N THR B 74 14.19 22.74 -12.39
CA THR B 74 14.68 24.09 -12.66
C THR B 74 13.67 25.13 -12.18
N GLU B 75 14.01 26.40 -12.32
CA GLU B 75 13.13 27.48 -11.94
C GLU B 75 11.82 27.47 -12.72
N LYS B 76 11.88 27.10 -13.99
CA LYS B 76 10.72 27.30 -14.85
C LYS B 76 10.12 26.09 -15.56
N ASP B 77 10.74 24.91 -15.44
CA ASP B 77 10.17 23.68 -16.03
C ASP B 77 9.02 23.25 -15.17
N GLU B 78 7.83 23.20 -15.77
CA GLU B 78 6.59 22.76 -15.11
C GLU B 78 6.48 21.24 -15.16
N TYR B 79 6.22 20.65 -14.01
CA TYR B 79 6.02 19.23 -13.95
C TYR B 79 4.61 18.94 -13.43
N ALA B 80 4.01 17.85 -13.94
CA ALA B 80 2.64 17.43 -13.55
C ALA B 80 2.38 15.91 -13.66
N CYS B 81 1.28 15.47 -13.07
CA CYS B 81 0.84 14.08 -13.20
C CYS B 81 -0.56 14.12 -13.78
N ARG B 82 -0.77 13.34 -14.85
CA ARG B 82 -2.09 13.18 -15.49
C ARG B 82 -2.57 11.73 -15.25
N VAL B 83 -3.76 11.60 -14.69
CA VAL B 83 -4.32 10.31 -14.29
C VAL B 83 -5.68 10.14 -14.91
N ASN B 84 -5.90 9.00 -15.54
CA ASN B 84 -7.26 8.59 -15.91
C ASN B 84 -7.62 7.24 -15.25
N HIS B 85 -8.88 7.15 -14.88
CA HIS B 85 -9.46 5.99 -14.23
C HIS B 85 -10.90 5.96 -14.70
N VAL B 86 -11.52 4.79 -14.67
CA VAL B 86 -12.93 4.62 -15.08
C VAL B 86 -13.87 5.56 -14.34
N THR B 87 -13.44 5.98 -13.16
CA THR B 87 -14.20 6.83 -12.25
C THR B 87 -14.17 8.34 -12.62
N LEU B 88 -13.21 8.75 -13.46
CA LEU B 88 -13.11 10.15 -13.94
C LEU B 88 -13.63 10.37 -15.37
N SER B 89 -14.37 11.44 -15.61
CA SER B 89 -14.86 11.74 -16.97
C SER B 89 -13.72 11.95 -17.93
N GLN B 90 -12.68 12.65 -17.46
CA GLN B 90 -11.54 12.92 -18.33
C GLN B 90 -10.31 13.04 -17.48
N PRO B 91 -9.13 12.94 -18.10
CA PRO B 91 -7.94 12.83 -17.29
C PRO B 91 -7.81 13.99 -16.31
N LYS B 92 -7.31 13.70 -15.11
CA LYS B 92 -7.09 14.73 -14.11
C LYS B 92 -5.62 15.05 -14.06
N ILE B 93 -5.31 16.34 -14.13
CA ILE B 93 -3.94 16.79 -14.06
C ILE B 93 -3.67 17.47 -12.72
N VAL B 94 -2.63 17.02 -12.04
CA VAL B 94 -2.19 17.64 -10.81
C VAL B 94 -0.74 18.08 -11.02
N LYS B 95 -0.51 19.37 -10.76
CA LYS B 95 0.79 20.02 -10.90
C LYS B 95 1.68 19.78 -9.69
N TRP B 96 2.97 19.50 -9.96
CA TRP B 96 3.96 19.42 -8.93
C TRP B 96 4.15 20.80 -8.27
N ASP B 97 3.87 20.87 -6.99
CA ASP B 97 4.16 22.04 -6.18
C ASP B 97 5.20 21.68 -5.12
N ARG B 98 6.32 22.40 -5.14
CA ARG B 98 7.46 22.10 -4.28
C ARG B 98 7.15 22.09 -2.79
N ASP B 99 6.20 22.93 -2.38
CA ASP B 99 5.85 23.07 -0.96
C ASP B 99 4.70 22.12 -0.58
N MET B 100 4.51 21.05 -1.37
CA MET B 100 3.37 20.15 -1.23
C MET B 100 3.73 18.67 -1.35
N LEU C 1 7.54 -17.08 3.26
CA LEU C 1 7.00 -18.21 2.46
C LEU C 1 5.46 -18.14 2.41
N PRO C 2 4.87 -18.29 1.19
CA PRO C 2 3.40 -18.24 1.06
C PRO C 2 2.73 -19.54 1.48
N PHE C 3 1.47 -19.44 1.85
CA PHE C 3 0.63 -20.60 2.16
C PHE C 3 0.55 -21.51 0.95
N GLU C 4 0.68 -22.81 1.18
CA GLU C 4 0.99 -23.76 0.13
C GLU C 4 -0.26 -24.32 -0.54
N ARG C 5 -1.43 -24.06 0.01
CA ARG C 5 -2.66 -24.70 -0.51
C ARG C 5 -3.56 -23.69 -1.20
N ALA C 6 -3.91 -24.02 -2.42
CA ALA C 6 -4.79 -23.21 -3.21
C ALA C 6 -6.17 -23.82 -2.98
N THR C 7 -7.18 -23.05 -2.54
CA THR C 7 -8.53 -23.62 -2.50
C THR C 7 -9.62 -22.77 -3.16
N VAL C 8 -10.36 -23.42 -4.05
CA VAL C 8 -11.36 -22.79 -4.91
C VAL C 8 -12.49 -22.22 -4.09
N MET C 9 -12.99 -21.05 -4.48
CA MET C 9 -14.05 -20.41 -3.70
C MET C 9 -15.44 -20.82 -4.14
#